data_4YJQ
#
_entry.id   4YJQ
#
_cell.length_a   39.402
_cell.length_b   86.841
_cell.length_c   40.236
_cell.angle_alpha   90.000
_cell.angle_beta   93.420
_cell.angle_gamma   90.000
#
_symmetry.space_group_name_H-M   'P 1 21 1'
#
loop_
_entity.id
_entity.type
_entity.pdbx_description
1 polymer 'Tyrosine-protein kinase SYK'
2 non-polymer 3-[1H-indazol-4-yl(2-{[3-(4-methyl-1,3-oxazol-5-yl)phenyl]amino}pyrimidin-4-yl)amino]propan-1-ol
3 water water
#
_entity_poly.entity_id   1
_entity_poly.type   'polypeptide(L)'
_entity_poly.pdbx_seq_one_letter_code
;PEEIRPKEVYLDRKLLTLEDKELGSGNFGTVKKGYYQMKKVVKTVAVKILKNEANDPALKDELLAEANVMQQLDNPYIVR
MIGICEAESWMLVMEMAELGPLNKYLQQNRHVKDKNIIELVHQVSMGMKYLEESNFVHRDLAARNVLLVTQHYAKISDFG
LSKALRADEN(PTR)(PTR)KAQTHGKWPVKWYAPECINYYKFSSKSDVWSFGVLMWEAFSYGQKPYRGMKGSEVTAMLE
KGERMGCPAGCPREMYDLMNLCWTYDVENRPGFAAVELRLRNYYYDVVN
;
_entity_poly.pdbx_strand_id   A
#
loop_
_chem_comp.id
_chem_comp.type
_chem_comp.name
_chem_comp.formula
4DK non-polymer 3-[1H-indazol-4-yl(2-{[3-(4-methyl-1,3-oxazol-5-yl)phenyl]amino}pyrimidin-4-yl)amino]propan-1-ol 'C24 H23 N7 O2'
#
# COMPACT_ATOMS: atom_id res chain seq x y z
N TYR A 10 16.68 5.31 -17.43
CA TYR A 10 17.64 5.88 -16.50
C TYR A 10 17.64 7.39 -16.60
N LEU A 11 17.73 8.05 -15.44
CA LEU A 11 17.62 9.50 -15.32
C LEU A 11 18.97 10.21 -15.31
N ASP A 12 18.95 11.49 -15.64
CA ASP A 12 20.13 12.34 -15.68
C ASP A 12 20.33 13.01 -14.31
N ARG A 13 21.42 12.69 -13.61
CA ARG A 13 21.72 13.29 -12.31
C ARG A 13 21.74 14.81 -12.36
N LYS A 14 22.23 15.41 -13.47
CA LYS A 14 22.32 16.86 -13.58
C LYS A 14 20.95 17.52 -13.59
N LEU A 15 19.87 16.80 -13.90
CA LEU A 15 18.51 17.37 -13.91
C LEU A 15 17.78 17.17 -12.57
N LEU A 16 18.44 16.55 -11.59
CA LEU A 16 17.88 16.27 -10.28
C LEU A 16 18.52 17.15 -9.23
N THR A 17 17.74 17.77 -8.40
CA THR A 17 18.16 18.51 -7.22
C THR A 17 17.51 17.86 -6.09
N LEU A 18 18.25 17.54 -5.05
CA LEU A 18 17.75 16.95 -3.84
C LEU A 18 17.81 17.95 -2.70
N GLU A 19 16.77 18.02 -1.90
CA GLU A 19 16.78 18.75 -0.64
C GLU A 19 17.46 17.84 0.41
N ASP A 20 18.21 18.40 1.36
CA ASP A 20 18.97 17.61 2.36
C ASP A 20 18.11 16.84 3.41
N LYS A 21 16.90 17.30 3.77
CA LYS A 21 16.10 16.64 4.82
C LYS A 21 15.69 15.19 4.53
N GLU A 22 16.06 14.27 5.42
CA GLU A 22 15.70 12.86 5.30
C GLU A 22 14.31 12.66 5.90
N LEU A 23 13.41 11.97 5.18
CA LEU A 23 12.03 11.73 5.61
C LEU A 23 11.86 10.35 6.24
N GLY A 24 11.12 10.27 7.33
CA GLY A 24 10.86 9.02 8.05
C GLY A 24 12.03 8.54 8.88
N GLY A 29 15.50 2.26 2.52
CA GLY A 29 16.34 3.30 1.93
C GLY A 29 16.08 4.70 2.50
N THR A 30 17.11 5.58 2.43
CA THR A 30 17.05 7.00 2.85
C THR A 30 16.12 7.74 1.88
N VAL A 31 15.28 8.68 2.35
CA VAL A 31 14.29 9.34 1.49
C VAL A 31 14.49 10.84 1.47
N LYS A 32 14.56 11.44 0.27
CA LYS A 32 14.64 12.88 0.10
C LYS A 32 13.62 13.38 -0.88
N LYS A 33 13.22 14.62 -0.71
CA LYS A 33 12.44 15.35 -1.68
C LYS A 33 13.40 15.92 -2.72
N GLY A 34 12.96 16.04 -3.95
CA GLY A 34 13.73 16.67 -5.00
C GLY A 34 12.88 17.27 -6.08
N TYR A 35 13.56 17.84 -7.03
CA TYR A 35 12.93 18.47 -8.16
C TYR A 35 13.66 17.91 -9.37
N TYR A 36 12.94 17.32 -10.33
CA TYR A 36 13.48 16.72 -11.55
C TYR A 36 13.01 17.52 -12.74
N GLN A 37 13.97 18.01 -13.53
CA GLN A 37 13.64 18.82 -14.69
C GLN A 37 13.22 17.93 -15.83
N MET A 38 11.92 17.98 -16.24
CA MET A 38 11.37 17.23 -17.36
C MET A 38 11.66 18.02 -18.66
N LYS A 39 11.00 17.67 -19.75
CA LYS A 39 11.22 18.32 -21.06
C LYS A 39 10.84 19.79 -21.06
N LYS A 40 9.84 20.22 -20.25
CA LYS A 40 9.50 21.63 -20.12
C LYS A 40 9.42 21.99 -18.64
N VAL A 41 8.50 21.37 -17.90
CA VAL A 41 8.31 21.72 -16.48
C VAL A 41 9.22 20.91 -15.55
N VAL A 42 9.42 21.40 -14.30
CA VAL A 42 10.04 20.63 -13.20
C VAL A 42 8.94 19.80 -12.58
N LYS A 43 9.26 18.58 -12.16
CA LYS A 43 8.34 17.74 -11.42
C LYS A 43 8.92 17.54 -10.03
N THR A 44 8.06 17.63 -9.01
CA THR A 44 8.46 17.39 -7.64
C THR A 44 8.51 15.89 -7.43
N VAL A 45 9.60 15.39 -6.86
CA VAL A 45 9.81 13.97 -6.71
C VAL A 45 10.19 13.59 -5.30
N ALA A 46 9.98 12.34 -4.96
CA ALA A 46 10.45 11.70 -3.73
C ALA A 46 11.40 10.61 -4.13
N VAL A 47 12.55 10.53 -3.49
CA VAL A 47 13.62 9.68 -3.91
C VAL A 47 14.10 8.79 -2.79
N LYS A 48 14.18 7.49 -3.05
CA LYS A 48 14.80 6.55 -2.12
C LYS A 48 16.25 6.43 -2.55
N ILE A 49 17.19 6.60 -1.61
CA ILE A 49 18.60 6.64 -1.92
C ILE A 49 19.35 5.52 -1.19
N LEU A 50 20.20 4.76 -1.95
CA LEU A 50 21.10 3.74 -1.40
C LEU A 50 22.60 4.05 -1.70
N LYS A 51 23.53 3.60 -0.82
CA LYS A 51 24.97 3.84 -1.13
C LYS A 51 25.44 2.93 -2.25
N ASN A 52 26.37 3.38 -3.10
CA ASN A 52 26.82 2.61 -4.28
C ASN A 52 27.53 1.29 -3.95
N GLU A 53 28.46 1.33 -3.00
CA GLU A 53 29.29 0.16 -2.65
C GLU A 53 28.82 -0.48 -1.34
N ALA A 54 28.87 0.25 -0.21
CA ALA A 54 28.44 -0.23 1.10
C ALA A 54 26.91 -0.27 1.25
N ASN A 55 26.25 -1.00 0.38
CA ASN A 55 24.81 -1.11 0.45
C ASN A 55 24.50 -2.53 0.79
N ASP A 56 23.27 -2.76 1.01
CA ASP A 56 22.73 -4.05 1.26
C ASP A 56 22.21 -4.56 -0.12
N PRO A 57 22.81 -5.62 -0.72
CA PRO A 57 22.35 -6.06 -2.05
C PRO A 57 20.92 -6.50 -2.06
N ALA A 58 20.38 -6.99 -0.95
CA ALA A 58 18.98 -7.46 -0.93
C ALA A 58 18.00 -6.33 -0.91
N LEU A 59 18.36 -5.26 -0.25
CA LEU A 59 17.50 -4.10 -0.15
C LEU A 59 17.49 -3.46 -1.54
N LYS A 60 18.67 -3.34 -2.23
CA LYS A 60 18.71 -2.88 -3.62
C LYS A 60 17.91 -3.80 -4.53
N ASP A 61 18.03 -5.11 -4.37
CA ASP A 61 17.22 -6.01 -5.18
C ASP A 61 15.74 -5.73 -5.00
N GLU A 62 15.29 -5.42 -3.79
CA GLU A 62 13.88 -5.11 -3.55
C GLU A 62 13.42 -3.87 -4.29
N LEU A 63 14.24 -2.84 -4.32
CA LEU A 63 13.86 -1.61 -4.99
C LEU A 63 13.96 -1.81 -6.51
N LEU A 64 14.88 -2.66 -7.02
CA LEU A 64 14.89 -2.96 -8.44
C LEU A 64 13.62 -3.72 -8.79
N ALA A 65 13.17 -4.60 -7.91
CA ALA A 65 11.94 -5.34 -8.11
C ALA A 65 10.75 -4.41 -8.09
N GLU A 66 10.76 -3.42 -7.20
CA GLU A 66 9.71 -2.43 -7.18
C GLU A 66 9.68 -1.67 -8.49
N ALA A 67 10.84 -1.23 -8.96
CA ALA A 67 10.91 -0.51 -10.22
C ALA A 67 10.35 -1.35 -11.37
N ASN A 68 10.72 -2.63 -11.40
CA ASN A 68 10.25 -3.51 -12.47
C ASN A 68 8.73 -3.63 -12.45
N VAL A 69 8.11 -3.70 -11.27
CA VAL A 69 6.67 -3.75 -11.18
C VAL A 69 6.08 -2.42 -11.60
N MET A 70 6.55 -1.33 -10.99
CA MET A 70 5.90 -0.03 -11.17
C MET A 70 6.05 0.44 -12.65
N GLN A 71 7.05 -0.03 -13.43
CA GLN A 71 7.15 0.29 -14.86
C GLN A 71 5.97 -0.28 -15.66
N GLN A 72 5.31 -1.35 -15.16
CA GLN A 72 4.21 -2.05 -15.83
C GLN A 72 2.85 -1.53 -15.40
N LEU A 73 2.77 -0.61 -14.43
CA LEU A 73 1.51 -0.13 -13.90
C LEU A 73 1.20 1.28 -14.36
N ASP A 74 -0.07 1.54 -14.59
CA ASP A 74 -0.52 2.86 -14.99
C ASP A 74 -1.94 3.06 -14.50
N ASN A 75 -2.08 3.76 -13.39
CA ASN A 75 -3.40 4.00 -12.84
C ASN A 75 -3.36 5.27 -12.03
N PRO A 76 -4.43 6.07 -11.95
CA PRO A 76 -4.36 7.31 -11.18
C PRO A 76 -4.19 7.15 -9.68
N TYR A 77 -4.48 5.95 -9.14
CA TYR A 77 -4.42 5.70 -7.70
C TYR A 77 -3.22 4.89 -7.31
N ILE A 78 -2.18 4.89 -8.16
CA ILE A 78 -0.92 4.24 -7.88
C ILE A 78 0.18 5.23 -8.14
N VAL A 79 1.13 5.35 -7.21
CA VAL A 79 2.26 6.26 -7.39
C VAL A 79 2.99 5.93 -8.70
N ARG A 80 3.35 6.96 -9.46
CA ARG A 80 4.06 6.81 -10.71
C ARG A 80 5.57 6.94 -10.51
N MET A 81 6.33 6.03 -11.10
CA MET A 81 7.77 6.09 -11.07
C MET A 81 8.28 7.00 -12.20
N ILE A 82 9.23 7.87 -11.88
CA ILE A 82 9.95 8.68 -12.86
C ILE A 82 11.09 7.86 -13.42
N GLY A 83 11.87 7.22 -12.56
CA GLY A 83 12.94 6.36 -13.02
C GLY A 83 13.98 6.10 -11.96
N ILE A 84 15.13 5.54 -12.39
CA ILE A 84 16.26 5.23 -11.53
C ILE A 84 17.37 6.14 -11.90
N CYS A 85 18.11 6.66 -10.93
CA CYS A 85 19.30 7.46 -11.20
C CYS A 85 20.50 6.77 -10.56
N GLU A 86 21.52 6.45 -11.39
CA GLU A 86 22.77 5.80 -10.97
C GLU A 86 23.84 6.85 -10.95
N ALA A 87 24.17 7.37 -9.78
CA ALA A 87 25.12 8.50 -9.68
C ALA A 87 26.00 8.35 -8.45
N GLU A 88 26.14 9.39 -7.57
CA GLU A 88 26.96 9.26 -6.36
C GLU A 88 26.32 8.25 -5.40
N SER A 89 25.01 8.02 -5.55
CA SER A 89 24.24 7.05 -4.83
C SER A 89 23.30 6.35 -5.84
N TRP A 90 22.65 5.26 -5.46
CA TRP A 90 21.64 4.63 -6.32
C TRP A 90 20.29 5.16 -5.89
N MET A 91 19.48 5.66 -6.83
CA MET A 91 18.27 6.39 -6.49
C MET A 91 17.03 5.92 -7.24
N LEU A 92 15.94 5.75 -6.53
CA LEU A 92 14.65 5.38 -7.13
C LEU A 92 13.75 6.60 -6.99
N VAL A 93 13.33 7.19 -8.13
CA VAL A 93 12.68 8.48 -8.17
C VAL A 93 11.21 8.33 -8.53
N MET A 94 10.32 8.82 -7.65
CA MET A 94 8.89 8.77 -7.82
C MET A 94 8.28 10.14 -7.88
N GLU A 95 7.12 10.26 -8.52
N GLU A 95 7.09 10.25 -8.49
CA GLU A 95 6.36 11.49 -8.41
CA GLU A 95 6.29 11.48 -8.44
C GLU A 95 5.98 11.64 -6.94
C GLU A 95 5.86 11.68 -6.97
N MET A 96 6.19 12.82 -6.35
CA MET A 96 5.89 12.97 -4.92
C MET A 96 4.41 13.21 -4.64
N ALA A 97 3.87 12.42 -3.69
CA ALA A 97 2.55 12.62 -3.10
C ALA A 97 2.88 13.39 -1.81
N GLU A 98 2.75 14.69 -1.85
CA GLU A 98 3.41 15.54 -0.86
C GLU A 98 2.83 15.53 0.52
N LEU A 99 1.59 15.15 0.72
CA LEU A 99 1.08 15.10 2.08
C LEU A 99 1.55 13.85 2.82
N GLY A 100 2.10 12.87 2.12
CA GLY A 100 2.72 11.74 2.78
C GLY A 100 1.80 10.64 3.23
N PRO A 101 2.35 9.76 4.07
CA PRO A 101 1.59 8.58 4.52
C PRO A 101 0.27 8.91 5.22
N LEU A 102 -0.76 8.11 4.89
CA LEU A 102 -2.11 8.29 5.42
C LEU A 102 -2.17 8.10 6.93
N ASN A 103 -1.45 7.11 7.49
CA ASN A 103 -1.54 6.91 8.94
C ASN A 103 -1.03 8.14 9.66
N LYS A 104 0.11 8.69 9.26
CA LYS A 104 0.67 9.88 9.91
C LYS A 104 -0.23 11.07 9.72
N TYR A 105 -0.80 11.23 8.53
CA TYR A 105 -1.70 12.34 8.25
C TYR A 105 -2.91 12.31 9.17
N LEU A 106 -3.55 11.15 9.34
CA LEU A 106 -4.75 11.07 10.18
C LEU A 106 -4.41 11.21 11.65
N GLN A 107 -3.21 10.81 12.08
CA GLN A 107 -2.78 11.02 13.45
C GLN A 107 -2.70 12.52 13.76
N GLN A 108 -2.24 13.33 12.77
CA GLN A 108 -2.08 14.79 12.91
C GLN A 108 -3.31 15.58 12.51
N ASN A 109 -4.30 14.97 11.81
CA ASN A 109 -5.53 15.65 11.36
C ASN A 109 -6.74 14.82 11.74
N ARG A 110 -7.18 15.01 12.98
CA ARG A 110 -8.26 14.21 13.57
C ARG A 110 -9.66 14.71 13.31
N HIS A 111 -9.85 15.72 12.45
CA HIS A 111 -11.19 16.21 12.15
C HIS A 111 -11.54 15.94 10.69
N VAL A 112 -10.77 15.06 10.03
CA VAL A 112 -11.09 14.64 8.68
C VAL A 112 -12.43 13.93 8.79
N LYS A 113 -13.40 14.33 7.96
CA LYS A 113 -14.76 13.80 8.02
C LYS A 113 -14.88 12.40 7.48
N ASP A 114 -15.89 11.66 7.96
CA ASP A 114 -16.18 10.31 7.48
C ASP A 114 -16.25 10.23 5.97
N LYS A 115 -16.97 11.11 5.34
CA LYS A 115 -17.12 11.08 3.90
C LYS A 115 -15.77 11.19 3.20
N ASN A 116 -14.87 12.00 3.77
CA ASN A 116 -13.54 12.20 3.21
C ASN A 116 -12.69 10.93 3.42
N ILE A 117 -12.79 10.25 4.55
CA ILE A 117 -12.05 9.01 4.75
C ILE A 117 -12.58 7.98 3.79
N ILE A 118 -13.92 7.90 3.61
CA ILE A 118 -14.50 6.95 2.65
C ILE A 118 -13.98 7.22 1.24
N GLU A 119 -13.92 8.50 0.84
CA GLU A 119 -13.42 8.87 -0.48
C GLU A 119 -12.00 8.34 -0.68
N LEU A 120 -11.15 8.53 0.32
CA LEU A 120 -9.75 8.10 0.22
C LEU A 120 -9.61 6.58 0.15
N VAL A 121 -10.33 5.86 1.02
CA VAL A 121 -10.20 4.40 0.95
C VAL A 121 -10.91 3.86 -0.31
N HIS A 122 -11.92 4.57 -0.84
CA HIS A 122 -12.49 4.18 -2.14
C HIS A 122 -11.46 4.32 -3.26
N GLN A 123 -10.66 5.39 -3.24
CA GLN A 123 -9.59 5.55 -4.21
C GLN A 123 -8.58 4.42 -4.11
N VAL A 124 -8.20 4.04 -2.88
CA VAL A 124 -7.32 2.89 -2.73
C VAL A 124 -8.00 1.64 -3.34
N SER A 125 -9.31 1.45 -3.10
CA SER A 125 -9.98 0.28 -3.66
C SER A 125 -10.01 0.28 -5.19
N MET A 126 -10.03 1.48 -5.81
CA MET A 126 -9.98 1.60 -7.26
C MET A 126 -8.60 1.24 -7.78
N GLY A 127 -7.55 1.70 -7.09
CA GLY A 127 -6.20 1.29 -7.47
C GLY A 127 -6.00 -0.20 -7.33
N MET A 128 -6.58 -0.78 -6.27
CA MET A 128 -6.43 -2.22 -6.02
C MET A 128 -7.30 -3.07 -6.96
N LYS A 129 -8.45 -2.55 -7.38
CA LYS A 129 -9.25 -3.25 -8.39
C LYS A 129 -8.44 -3.32 -9.70
N TYR A 130 -7.73 -2.25 -10.03
CA TYR A 130 -6.84 -2.24 -11.20
C TYR A 130 -5.69 -3.23 -11.02
N LEU A 131 -5.09 -3.25 -9.82
CA LEU A 131 -3.99 -4.17 -9.57
C LEU A 131 -4.45 -5.61 -9.71
N GLU A 132 -5.62 -5.90 -9.15
CA GLU A 132 -6.23 -7.24 -9.24
C GLU A 132 -6.52 -7.63 -10.69
N GLU A 133 -7.06 -6.71 -11.48
CA GLU A 133 -7.32 -6.96 -12.91
C GLU A 133 -6.02 -7.22 -13.66
N SER A 134 -4.94 -6.56 -13.24
CA SER A 134 -3.61 -6.67 -13.81
C SER A 134 -2.88 -7.89 -13.31
N ASN A 135 -3.47 -8.61 -12.33
CA ASN A 135 -2.94 -9.83 -11.76
C ASN A 135 -1.56 -9.65 -11.13
N PHE A 136 -1.43 -8.58 -10.34
CA PHE A 136 -0.34 -8.34 -9.42
C PHE A 136 -0.91 -8.40 -8.01
N VAL A 137 -0.12 -8.94 -7.10
CA VAL A 137 -0.43 -8.89 -5.67
C VAL A 137 0.49 -7.88 -5.04
N HIS A 138 -0.02 -7.05 -4.13
CA HIS A 138 0.75 -5.97 -3.51
C HIS A 138 1.62 -6.48 -2.36
N ARG A 139 0.99 -7.17 -1.41
CA ARG A 139 1.65 -7.84 -0.28
C ARG A 139 2.21 -6.89 0.77
N ASP A 140 1.87 -5.61 0.77
CA ASP A 140 2.22 -4.74 1.89
C ASP A 140 1.22 -3.60 1.98
N LEU A 141 -0.05 -3.93 1.84
CA LEU A 141 -1.09 -2.92 1.76
C LEU A 141 -1.48 -2.51 3.18
N ALA A 142 -1.10 -1.32 3.58
CA ALA A 142 -1.24 -0.79 4.93
C ALA A 142 -1.39 0.71 4.79
N ALA A 143 -1.93 1.37 5.81
CA ALA A 143 -2.13 2.81 5.73
C ALA A 143 -0.81 3.56 5.57
N ARG A 144 0.29 3.06 6.11
CA ARG A 144 1.61 3.71 5.91
C ARG A 144 2.02 3.75 4.43
N ASN A 145 1.44 2.88 3.58
CA ASN A 145 1.78 2.79 2.17
C ASN A 145 0.73 3.41 1.31
N VAL A 146 -0.19 4.15 1.86
CA VAL A 146 -1.09 4.98 1.11
C VAL A 146 -0.56 6.39 1.27
N LEU A 147 -0.23 7.08 0.16
CA LEU A 147 0.33 8.42 0.20
C LEU A 147 -0.66 9.41 -0.33
N LEU A 148 -0.78 10.55 0.34
CA LEU A 148 -1.76 11.54 -0.09
C LEU A 148 -1.16 12.59 -1.00
N VAL A 149 -1.79 12.79 -2.14
CA VAL A 149 -1.44 13.84 -3.09
C VAL A 149 -2.02 15.14 -2.55
N THR A 150 -3.29 15.06 -2.17
CA THR A 150 -4.05 16.10 -1.48
C THR A 150 -4.88 15.42 -0.42
N GLN A 151 -5.67 16.19 0.33
CA GLN A 151 -6.54 15.59 1.33
C GLN A 151 -7.68 14.83 0.67
N HIS A 152 -7.88 14.97 -0.65
CA HIS A 152 -8.94 14.28 -1.38
C HIS A 152 -8.39 13.38 -2.48
N TYR A 153 -7.12 12.98 -2.38
CA TYR A 153 -6.55 12.16 -3.45
C TYR A 153 -5.41 11.29 -2.89
N ALA A 154 -5.71 9.99 -2.77
CA ALA A 154 -4.79 8.97 -2.27
C ALA A 154 -4.21 8.16 -3.38
N LYS A 155 -2.98 7.68 -3.17
CA LYS A 155 -2.31 6.77 -4.08
C LYS A 155 -1.64 5.63 -3.30
N ILE A 156 -1.60 4.44 -3.90
CA ILE A 156 -0.94 3.29 -3.31
C ILE A 156 0.53 3.36 -3.67
N SER A 157 1.35 3.00 -2.71
CA SER A 157 2.80 3.01 -2.89
C SER A 157 3.41 1.69 -2.32
N ASP A 158 4.73 1.60 -2.37
CA ASP A 158 5.57 0.54 -1.79
C ASP A 158 5.26 -0.82 -2.39
N PHE A 159 5.79 -1.03 -3.57
CA PHE A 159 5.61 -2.28 -4.31
C PHE A 159 6.85 -3.19 -4.16
N GLY A 160 7.62 -3.04 -3.09
CA GLY A 160 8.81 -3.85 -2.84
C GLY A 160 8.57 -5.33 -2.66
N LEU A 161 7.40 -5.72 -2.15
CA LEU A 161 7.05 -7.15 -1.98
C LEU A 161 6.08 -7.61 -3.06
N SER A 162 5.75 -6.76 -4.01
N SER A 162 5.73 -6.71 -4.04
CA SER A 162 4.71 -7.14 -4.94
CA SER A 162 4.72 -6.98 -5.07
C SER A 162 5.18 -8.19 -5.92
C SER A 162 5.16 -8.04 -6.07
N LYS A 163 4.23 -8.93 -6.47
CA LYS A 163 4.52 -10.02 -7.40
C LYS A 163 3.54 -10.04 -8.53
N ALA A 164 4.05 -10.35 -9.73
CA ALA A 164 3.24 -10.60 -10.91
C ALA A 164 2.80 -12.05 -10.83
N LEU A 165 1.52 -12.32 -10.82
CA LEU A 165 1.06 -13.69 -10.70
C LEU A 165 1.35 -14.51 -11.95
N ARG A 166 1.63 -15.79 -11.77
CA ARG A 166 1.77 -16.68 -12.91
C ARG A 166 0.48 -16.77 -13.68
N ALA A 167 0.56 -17.07 -14.97
CA ALA A 167 -0.65 -17.14 -15.80
C ALA A 167 -1.62 -18.22 -15.39
N ASP A 168 -1.15 -19.28 -14.75
CA ASP A 168 -2.02 -20.42 -14.43
C ASP A 168 -2.49 -20.47 -12.96
N GLU A 169 -2.15 -19.48 -12.13
CA GLU A 169 -2.58 -19.48 -10.73
C GLU A 169 -3.06 -18.12 -10.34
N ASN A 170 -3.87 -18.06 -9.29
CA ASN A 170 -4.34 -16.78 -8.78
C ASN A 170 -3.58 -16.43 -7.49
N PTR A 171 -2.50 -17.14 -7.17
CA PTR A 171 -1.72 -16.81 -6.01
C PTR A 171 -0.23 -16.97 -6.25
O PTR A 171 0.20 -17.71 -7.16
CB PTR A 171 -2.18 -17.69 -4.78
CG PTR A 171 -1.91 -19.16 -5.01
CD1 PTR A 171 -2.85 -20.00 -5.68
CD2 PTR A 171 -0.65 -19.69 -4.67
CE1 PTR A 171 -2.56 -21.35 -5.91
CE2 PTR A 171 -0.37 -21.06 -4.93
CZ PTR A 171 -1.34 -21.84 -5.56
OH PTR A 171 -1.00 -23.18 -5.82
P PTR A 171 -1.70 -24.38 -5.11
O1P PTR A 171 -1.00 -25.66 -5.61
O2P PTR A 171 -3.22 -24.44 -5.48
O3P PTR A 171 -1.61 -24.19 -3.60
N PTR A 172 0.54 -16.24 -5.44
CA PTR A 172 2.00 -16.33 -5.36
C PTR A 172 2.26 -17.15 -4.11
O PTR A 172 1.71 -16.86 -3.03
CB PTR A 172 2.62 -14.92 -5.22
CG PTR A 172 4.06 -14.95 -4.76
CD1 PTR A 172 5.03 -15.27 -5.68
CD2 PTR A 172 4.34 -14.68 -3.41
CE1 PTR A 172 6.41 -15.30 -5.23
CE2 PTR A 172 5.68 -14.72 -3.00
CZ PTR A 172 6.70 -15.03 -3.87
OH PTR A 172 7.99 -15.05 -3.30
P PTR A 172 9.26 -15.39 -4.17
O1P PTR A 172 10.41 -15.29 -3.17
O2P PTR A 172 9.27 -16.81 -4.75
O3P PTR A 172 9.57 -14.42 -5.28
N LYS A 173 3.09 -18.18 -4.22
CA LYS A 173 3.47 -19.03 -3.11
C LYS A 173 4.88 -18.68 -2.63
N ALA A 174 5.01 -18.17 -1.41
CA ALA A 174 6.33 -17.87 -0.86
C ALA A 174 6.88 -19.19 -0.30
N GLN A 175 8.19 -19.33 -0.25
CA GLN A 175 8.80 -20.60 0.20
C GLN A 175 8.46 -20.94 1.66
N THR A 176 8.43 -19.93 2.52
CA THR A 176 8.13 -20.02 3.94
C THR A 176 7.87 -18.60 4.43
N HIS A 177 7.67 -18.41 5.73
CA HIS A 177 7.47 -17.07 6.26
C HIS A 177 8.80 -16.32 6.29
N GLY A 178 8.79 -15.07 5.86
CA GLY A 178 9.96 -14.20 5.86
C GLY A 178 9.74 -13.24 7.00
N LYS A 179 10.21 -12.00 6.85
CA LYS A 179 9.91 -10.95 7.82
C LYS A 179 8.82 -10.16 7.16
N TRP A 180 7.62 -10.30 7.71
CA TRP A 180 6.41 -9.83 7.07
C TRP A 180 5.58 -8.94 7.94
N PRO A 181 4.74 -8.12 7.30
CA PRO A 181 3.79 -7.28 8.08
C PRO A 181 2.58 -8.13 8.48
N VAL A 182 2.80 -9.07 9.37
CA VAL A 182 1.82 -10.09 9.70
C VAL A 182 0.49 -9.56 10.18
N LYS A 183 0.46 -8.42 10.86
CA LYS A 183 -0.80 -7.86 11.34
C LYS A 183 -1.69 -7.40 10.17
N TRP A 184 -1.13 -7.29 8.94
CA TRP A 184 -1.94 -6.95 7.76
C TRP A 184 -2.21 -8.17 6.90
N TYR A 185 -1.70 -9.34 7.27
CA TYR A 185 -1.83 -10.50 6.41
C TYR A 185 -2.98 -11.41 6.72
N ALA A 186 -3.52 -11.99 5.66
CA ALA A 186 -4.62 -12.92 5.76
C ALA A 186 -4.14 -14.25 6.34
N PRO A 187 -5.06 -15.04 6.90
CA PRO A 187 -4.64 -16.33 7.48
C PRO A 187 -3.97 -17.24 6.48
N GLU A 188 -4.41 -17.29 5.22
CA GLU A 188 -3.80 -18.20 4.24
C GLU A 188 -2.35 -17.81 3.94
N CYS A 189 -2.01 -16.53 4.14
CA CYS A 189 -0.65 -16.05 3.98
C CYS A 189 0.22 -16.58 5.10
N ILE A 190 -0.25 -16.40 6.32
CA ILE A 190 0.45 -16.84 7.51
C ILE A 190 0.54 -18.38 7.57
N ASN A 191 -0.56 -19.08 7.25
CA ASN A 191 -0.59 -20.54 7.42
C ASN A 191 -0.01 -21.30 6.24
N TYR A 192 -0.21 -20.81 4.99
CA TYR A 192 0.19 -21.55 3.78
C TYR A 192 1.11 -20.76 2.85
N TYR A 193 1.44 -19.51 3.20
CA TYR A 193 2.35 -18.66 2.43
C TYR A 193 1.82 -18.36 1.02
N LYS A 194 0.48 -18.31 0.90
CA LYS A 194 -0.19 -18.11 -0.38
C LYS A 194 -0.78 -16.71 -0.41
N PHE A 195 -0.43 -15.94 -1.44
CA PHE A 195 -0.81 -14.54 -1.58
C PHE A 195 -1.57 -14.32 -2.86
N SER A 196 -2.81 -13.89 -2.73
CA SER A 196 -3.70 -13.63 -3.84
C SER A 196 -4.24 -12.21 -3.71
N SER A 197 -5.01 -11.76 -4.70
CA SER A 197 -5.66 -10.49 -4.54
C SER A 197 -6.63 -10.54 -3.36
N LYS A 198 -7.24 -11.67 -3.07
CA LYS A 198 -8.12 -11.74 -1.89
C LYS A 198 -7.29 -11.59 -0.61
N SER A 199 -6.03 -12.01 -0.59
CA SER A 199 -5.20 -11.70 0.55
C SER A 199 -5.00 -10.19 0.71
N ASP A 200 -4.81 -9.50 -0.39
CA ASP A 200 -4.71 -8.04 -0.35
C ASP A 200 -6.04 -7.40 0.14
N VAL A 201 -7.19 -8.03 -0.14
CA VAL A 201 -8.47 -7.55 0.38
C VAL A 201 -8.49 -7.61 1.92
N TRP A 202 -7.96 -8.69 2.48
CA TRP A 202 -7.87 -8.77 3.93
C TRP A 202 -7.05 -7.59 4.45
N SER A 203 -5.87 -7.35 3.85
CA SER A 203 -5.03 -6.24 4.25
C SER A 203 -5.76 -4.92 4.13
N PHE A 204 -6.54 -4.77 3.06
CA PHE A 204 -7.34 -3.56 2.85
C PHE A 204 -8.33 -3.37 4.03
N GLY A 205 -8.89 -4.45 4.56
CA GLY A 205 -9.76 -4.30 5.73
C GLY A 205 -9.01 -3.73 6.91
N VAL A 206 -7.75 -4.18 7.11
CA VAL A 206 -6.92 -3.64 8.20
C VAL A 206 -6.63 -2.17 7.94
N LEU A 207 -6.31 -1.82 6.69
CA LEU A 207 -6.07 -0.44 6.28
C LEU A 207 -7.30 0.42 6.57
N MET A 208 -8.50 -0.11 6.27
CA MET A 208 -9.70 0.65 6.59
C MET A 208 -9.82 0.90 8.10
N TRP A 209 -9.54 -0.15 8.89
CA TRP A 209 -9.59 0.02 10.34
C TRP A 209 -8.62 1.12 10.76
N GLU A 210 -7.42 1.13 10.18
CA GLU A 210 -6.45 2.16 10.53
C GLU A 210 -6.96 3.53 10.17
N ALA A 211 -7.56 3.66 9.00
CA ALA A 211 -8.04 4.95 8.54
C ALA A 211 -9.16 5.50 9.41
N PHE A 212 -10.02 4.65 9.91
CA PHE A 212 -11.12 5.11 10.77
C PHE A 212 -10.73 5.17 12.26
N SER A 213 -9.50 4.81 12.59
CA SER A 213 -8.91 4.88 13.91
C SER A 213 -7.83 5.94 14.00
N TYR A 214 -7.86 6.86 13.02
CA TYR A 214 -6.94 7.96 12.77
C TYR A 214 -5.47 7.54 13.00
N GLY A 215 -5.14 6.51 12.26
CA GLY A 215 -3.78 6.04 12.14
C GLY A 215 -3.23 5.32 13.34
N GLN A 216 -4.10 4.76 14.17
CA GLN A 216 -3.62 3.89 15.25
C GLN A 216 -3.13 2.57 14.66
N LYS A 217 -2.22 1.91 15.35
CA LYS A 217 -1.72 0.62 14.89
C LYS A 217 -2.74 -0.46 15.18
N PRO A 218 -2.89 -1.42 14.27
CA PRO A 218 -3.81 -2.54 14.51
C PRO A 218 -3.25 -3.56 15.47
N TYR A 219 -4.14 -4.31 16.12
CA TYR A 219 -3.78 -5.35 17.09
C TYR A 219 -2.75 -4.83 18.09
N ARG A 220 -3.05 -3.67 18.67
CA ARG A 220 -2.17 -3.05 19.62
C ARG A 220 -1.76 -4.00 20.74
N GLY A 221 -0.49 -4.03 21.05
CA GLY A 221 0.05 -4.82 22.14
C GLY A 221 0.17 -6.32 21.95
N MET A 222 -0.22 -6.84 20.81
CA MET A 222 -0.25 -8.27 20.57
C MET A 222 0.91 -8.71 19.74
N LYS A 223 1.40 -9.92 20.02
CA LYS A 223 2.41 -10.54 19.18
C LYS A 223 1.75 -11.13 17.95
N GLY A 224 2.51 -11.33 16.89
CA GLY A 224 1.96 -11.94 15.69
C GLY A 224 1.30 -13.27 15.98
N SER A 225 1.90 -14.13 16.82
CA SER A 225 1.33 -15.43 17.12
C SER A 225 -0.02 -15.29 17.85
N GLU A 226 -0.17 -14.23 18.65
CA GLU A 226 -1.42 -14.00 19.38
C GLU A 226 -2.49 -13.53 18.42
N VAL A 227 -2.10 -12.75 17.39
CA VAL A 227 -3.04 -12.32 16.35
C VAL A 227 -3.53 -13.55 15.59
N THR A 228 -2.64 -14.46 15.21
CA THR A 228 -3.06 -15.67 14.49
C THR A 228 -4.08 -16.44 15.28
N ALA A 229 -3.82 -16.63 16.57
CA ALA A 229 -4.73 -17.41 17.42
C ALA A 229 -6.07 -16.70 17.57
N MET A 230 -6.05 -15.35 17.71
CA MET A 230 -7.28 -14.56 17.83
C MET A 230 -8.15 -14.74 16.59
N LEU A 231 -7.53 -14.61 15.42
CA LEU A 231 -8.25 -14.71 14.17
C LEU A 231 -8.81 -16.11 13.94
N GLU A 232 -8.05 -17.14 14.26
CA GLU A 232 -8.55 -18.50 14.04
C GLU A 232 -9.78 -18.79 14.91
N LYS A 233 -9.85 -18.19 16.08
CA LYS A 233 -11.02 -18.31 16.98
C LYS A 233 -12.23 -17.48 16.50
N GLY A 234 -12.11 -16.80 15.36
CA GLY A 234 -13.20 -16.01 14.84
C GLY A 234 -13.31 -14.63 15.43
N GLU A 235 -12.31 -14.20 16.19
CA GLU A 235 -12.36 -12.89 16.83
C GLU A 235 -11.71 -11.85 15.92
N ARG A 236 -12.22 -10.61 15.98
CA ARG A 236 -11.79 -9.50 15.14
C ARG A 236 -11.69 -8.24 15.96
N MET A 237 -10.88 -7.28 15.46
CA MET A 237 -10.82 -5.97 16.09
C MET A 237 -12.18 -5.36 16.13
N GLY A 238 -12.44 -4.62 17.20
CA GLY A 238 -13.70 -3.96 17.40
C GLY A 238 -13.86 -2.72 16.54
N CYS A 239 -15.07 -2.18 16.52
CA CYS A 239 -15.41 -1.02 15.73
C CYS A 239 -14.72 0.22 16.25
N PRO A 240 -13.94 0.97 15.43
CA PRO A 240 -13.34 2.20 15.93
C PRO A 240 -14.39 3.20 16.41
N ALA A 241 -14.06 3.96 17.46
CA ALA A 241 -14.97 4.96 18.01
C ALA A 241 -15.42 5.90 16.90
N GLY A 242 -16.71 6.04 16.71
CA GLY A 242 -17.25 6.94 15.69
C GLY A 242 -17.20 6.44 14.27
N CYS A 243 -16.73 5.21 14.04
CA CYS A 243 -16.66 4.69 12.67
C CYS A 243 -18.05 4.42 12.13
N PRO A 244 -18.36 4.84 10.90
CA PRO A 244 -19.68 4.51 10.33
C PRO A 244 -19.88 3.00 10.32
N ARG A 245 -21.04 2.57 10.80
CA ARG A 245 -21.35 1.15 10.90
C ARG A 245 -21.13 0.39 9.58
N GLU A 246 -21.55 0.96 8.46
CA GLU A 246 -21.41 0.31 7.17
C GLU A 246 -19.94 0.06 6.82
N MET A 247 -19.03 0.93 7.28
CA MET A 247 -17.61 0.75 7.01
C MET A 247 -17.04 -0.31 7.91
N TYR A 248 -17.50 -0.42 9.15
CA TYR A 248 -17.04 -1.50 10.01
C TYR A 248 -17.58 -2.85 9.48
N ASP A 249 -18.81 -2.88 8.94
CA ASP A 249 -19.36 -4.09 8.36
C ASP A 249 -18.52 -4.53 7.15
N LEU A 250 -18.05 -3.57 6.36
CA LEU A 250 -17.22 -3.92 5.20
C LEU A 250 -15.85 -4.44 5.68
N MET A 251 -15.31 -3.88 6.76
CA MET A 251 -14.06 -4.44 7.31
C MET A 251 -14.24 -5.89 7.65
N ASN A 252 -15.36 -6.22 8.31
CA ASN A 252 -15.57 -7.61 8.69
C ASN A 252 -15.73 -8.53 7.47
N LEU A 253 -16.33 -8.05 6.40
CA LEU A 253 -16.41 -8.86 5.19
C LEU A 253 -15.01 -9.06 4.60
N CYS A 254 -14.16 -8.00 4.63
CA CYS A 254 -12.79 -8.17 4.18
C CYS A 254 -12.05 -9.20 5.00
N TRP A 255 -12.38 -9.31 6.27
CA TRP A 255 -11.75 -10.25 7.18
C TRP A 255 -12.51 -11.59 7.21
N THR A 256 -12.98 -12.04 6.06
CA THR A 256 -13.56 -13.36 5.94
C THR A 256 -12.43 -14.36 5.97
N TYR A 257 -12.48 -15.35 6.89
CA TYR A 257 -11.36 -16.27 7.06
C TYR A 257 -11.09 -17.10 5.83
N ASP A 258 -12.14 -17.70 5.28
CA ASP A 258 -12.03 -18.54 4.08
C ASP A 258 -11.83 -17.69 2.86
N VAL A 259 -10.71 -17.88 2.20
CA VAL A 259 -10.34 -17.09 1.06
C VAL A 259 -11.37 -17.20 -0.08
N GLU A 260 -12.02 -18.36 -0.25
CA GLU A 260 -13.02 -18.51 -1.31
C GLU A 260 -14.30 -17.67 -1.08
N ASN A 261 -14.72 -17.42 0.18
CA ASN A 261 -15.90 -16.63 0.49
C ASN A 261 -15.60 -15.15 0.72
N ARG A 262 -14.33 -14.78 0.72
CA ARG A 262 -13.95 -13.38 0.88
C ARG A 262 -14.18 -12.66 -0.45
N PRO A 263 -14.62 -11.41 -0.44
CA PRO A 263 -14.77 -10.70 -1.71
C PRO A 263 -13.45 -10.36 -2.34
N GLY A 264 -13.49 -10.19 -3.64
CA GLY A 264 -12.39 -9.60 -4.38
C GLY A 264 -12.52 -8.09 -4.40
N PHE A 265 -11.55 -7.39 -4.99
CA PHE A 265 -11.61 -5.93 -5.02
C PHE A 265 -12.74 -5.38 -5.87
N ALA A 266 -13.18 -6.08 -6.92
CA ALA A 266 -14.32 -5.54 -7.67
C ALA A 266 -15.53 -5.40 -6.73
N ALA A 267 -15.79 -6.40 -5.91
CA ALA A 267 -16.90 -6.30 -4.98
C ALA A 267 -16.67 -5.27 -3.87
N VAL A 268 -15.45 -5.15 -3.35
CA VAL A 268 -15.16 -4.17 -2.31
C VAL A 268 -15.28 -2.74 -2.82
N GLU A 269 -14.73 -2.50 -4.01
CA GLU A 269 -14.78 -1.16 -4.58
C GLU A 269 -16.23 -0.67 -4.75
N LEU A 270 -17.13 -1.57 -5.14
CA LEU A 270 -18.55 -1.20 -5.28
C LEU A 270 -19.10 -0.65 -3.98
N ARG A 271 -18.75 -1.31 -2.87
CA ARG A 271 -19.25 -0.95 -1.55
C ARG A 271 -18.68 0.33 -0.96
N LEU A 272 -17.75 0.98 -1.62
CA LEU A 272 -17.21 2.25 -1.16
C LEU A 272 -17.62 3.42 -2.04
N ARG A 273 -18.48 3.15 -3.04
CA ARG A 273 -19.01 4.21 -3.88
C ARG A 273 -20.11 5.00 -3.15
N ASN A 274 -20.19 6.33 -3.35
CA ASN A 274 -21.21 7.19 -2.73
C ASN A 274 -22.22 7.68 -3.77
N TYR A 275 -22.67 6.78 -4.64
CA TYR A 275 -23.69 7.08 -5.65
C TYR A 275 -24.38 5.76 -5.99
N TYR A 276 -25.54 5.82 -6.60
CA TYR A 276 -26.27 4.60 -6.97
C TYR A 276 -25.62 3.92 -8.15
N TYR A 277 -25.62 2.59 -8.14
CA TYR A 277 -25.01 1.83 -9.22
C TYR A 277 -25.65 0.45 -9.31
N ASP A 278 -25.36 -0.21 -10.42
CA ASP A 278 -25.67 -1.61 -10.65
C ASP A 278 -24.39 -2.45 -10.62
N VAL A 279 -24.52 -3.72 -10.21
CA VAL A 279 -23.38 -4.66 -10.14
C VAL A 279 -23.06 -5.14 -11.55
C01 4DK B . 7.11 10.51 6.33
C05 4DK B . 7.88 9.88 5.21
N06 4DK B . 8.76 8.83 5.48
C07 4DK B . 9.23 8.52 4.32
O09 4DK B . 8.74 9.26 3.30
C10 4DK B . 7.87 10.13 3.89
C11 4DK B . 7.16 11.04 3.01
C12 4DK B . 6.75 12.28 3.48
C14 4DK B . 6.04 13.14 2.67
C16 4DK B . 5.73 12.78 1.36
C18 4DK B . 6.13 11.53 0.88
N19 4DK B . 5.74 11.24 -0.45
C21 4DK B . 6.16 10.26 -1.32
N22 4DK B . 5.57 10.30 -2.52
C23 4DK B . 5.94 9.35 -3.39
C25 4DK B . 6.88 8.40 -3.10
C27 4DK B . 7.47 8.48 -1.85
N28 4DK B . 7.10 9.38 -0.94
N29 4DK B . 8.49 7.60 -1.48
C30 4DK B . 9.11 7.67 -0.14
C33 4DK B . 8.62 6.60 0.82
C36 4DK B . 7.20 6.80 1.27
O39 4DK B . 6.68 5.75 2.21
C41 4DK B . 9.00 6.58 -2.34
C42 4DK B . 10.23 6.71 -2.97
C44 4DK B . 10.75 5.67 -3.72
C46 4DK B . 10.05 4.50 -3.92
C48 4DK B . 8.80 4.39 -3.33
N49 4DK B . 7.88 3.39 -3.35
N51 4DK B . 6.77 3.71 -2.63
C52 4DK B . 6.97 4.92 -2.16
C54 4DK B . 8.24 5.41 -2.54
C55 4DK B . 6.84 10.67 1.70
H02 4DK B . 7.07 9.83 7.17
H04 4DK B . 7.59 11.43 6.62
H03 4DK B . 6.09 10.72 6.00
H08 4DK B . 9.96 7.74 4.19
H13 4DK B . 7.00 12.59 4.48
H15 4DK B . 5.75 14.11 3.04
H17 4DK B . 5.19 13.48 0.74
H20 4DK B . 4.86 11.66 -0.71
H24 4DK B . 5.43 9.28 -4.33
H26 4DK B . 7.15 7.67 -3.85
H32 4DK B . 10.18 7.56 -0.26
H31 4DK B . 8.93 8.64 0.32
H34 4DK B . 9.25 6.61 1.71
H35 4DK B . 8.71 5.63 0.34
H38 4DK B . 7.13 7.74 1.80
H37 4DK B . 6.56 6.83 0.39
H40 4DK B . 6.90 4.86 1.88
H43 4DK B . 10.84 7.58 -2.77
H45 4DK B . 11.72 5.78 -4.18
H47 4DK B . 10.42 3.73 -4.56
H50 4DK B . 7.96 2.55 -3.90
H53 4DK B . 6.30 5.43 -1.49
H56 4DK B . 7.12 9.69 1.36
#